data_5DXE
#
_entry.id   5DXE
#
_cell.length_a   56.009
_cell.length_b   85.181
_cell.length_c   58.291
_cell.angle_alpha   90.00
_cell.angle_beta   108.64
_cell.angle_gamma   90.00
#
_symmetry.space_group_name_H-M   'P 1 21 1'
#
loop_
_entity.id
_entity.type
_entity.pdbx_description
1 polymer 'Estrogen receptor'
2 polymer 'Nuclear receptor coactivator 2'
3 non-polymer ESTRADIOL
4 water water
#
loop_
_entity_poly.entity_id
_entity_poly.type
_entity_poly.pdbx_seq_one_letter_code
_entity_poly.pdbx_strand_id
1 'polypeptide(L)'
;MDPMIKRSKKNSLALSLTADQMVSALLDAEPPILYSEYDPTRPFSEASMMGLLTNLADRELVHMINWAKRVPGFVDLTLH
DQVHLLE(SCH)AWLEILMIGLVWRSMEHPGKLLFAPNLLLDRNQGK(SCH)VEGMVEIFDMLLATSSRFRMMNLQGEEF
VCLKSIILLNSGVYTFLSSTLKSLEEKDHIHRVLDKITDTLIHLMAKAGLTLQQQHQRLAQLLLILSHIRHMSNKGMEHL
YSMK(SCH)KNVVPLSDLLLEMLDAHRLHAPTS
;
A,B
2 'polypeptide(L)' (ACE)HK(MK8)LHR(MK8)LQDS(NH2) C,D
#
loop_
_chem_comp.id
_chem_comp.type
_chem_comp.name
_chem_comp.formula
ACE non-polymer 'ACETYL GROUP' 'C2 H4 O'
EST non-polymer ESTRADIOL 'C18 H24 O2'
NH2 non-polymer 'AMINO GROUP' 'H2 N'
#
# COMPACT_ATOMS: atom_id res chain seq x y z
N ALA A 14 -23.75 1.11 14.76
CA ALA A 14 -22.79 1.42 13.70
C ALA A 14 -21.53 2.04 14.30
N LEU A 15 -21.53 3.37 14.45
CA LEU A 15 -20.52 4.02 15.30
C LEU A 15 -20.80 3.68 16.75
N SER A 16 -21.94 3.05 16.96
CA SER A 16 -22.48 2.76 18.29
C SER A 16 -21.87 1.51 18.87
N LEU A 17 -21.35 0.66 17.99
CA LEU A 17 -20.79 -0.62 18.39
C LEU A 17 -19.64 -0.43 19.34
N THR A 18 -19.61 -1.26 20.38
CA THR A 18 -18.42 -1.37 21.20
C THR A 18 -17.39 -2.21 20.47
N ALA A 19 -16.20 -2.29 21.06
CA ALA A 19 -15.14 -3.09 20.49
C ALA A 19 -15.52 -4.56 20.40
N ASP A 20 -16.06 -5.12 21.46
CA ASP A 20 -16.43 -6.54 21.44
C ASP A 20 -17.55 -6.82 20.44
N GLN A 21 -18.51 -5.89 20.33
CA GLN A 21 -19.56 -6.00 19.32
C GLN A 21 -19.01 -5.91 17.90
N MET A 22 -17.97 -5.10 17.71
CA MET A 22 -17.33 -4.96 16.41
C MET A 22 -16.64 -6.26 16.03
N VAL A 23 -15.89 -6.84 16.95
CA VAL A 23 -15.18 -8.09 16.71
C VAL A 23 -16.16 -9.21 16.37
N SER A 24 -17.23 -9.31 17.16
N SER A 24 -17.23 -9.30 17.16
CA SER A 24 -18.24 -10.34 16.95
CA SER A 24 -18.24 -10.32 16.96
C SER A 24 -18.93 -10.19 15.59
C SER A 24 -18.93 -10.19 15.60
N ALA A 25 -19.28 -8.96 15.23
CA ALA A 25 -19.88 -8.69 13.92
C ALA A 25 -18.97 -9.18 12.80
N LEU A 26 -17.70 -8.83 12.88
CA LEU A 26 -16.75 -9.18 11.82
C LEU A 26 -16.49 -10.68 11.78
N LEU A 27 -16.35 -11.31 12.94
CA LEU A 27 -16.13 -12.76 12.96
C LEU A 27 -17.33 -13.50 12.37
N ASP A 28 -18.54 -13.03 12.69
CA ASP A 28 -19.76 -13.63 12.18
C ASP A 28 -19.89 -13.52 10.67
N ALA A 29 -19.36 -12.41 10.14
CA ALA A 29 -19.53 -12.07 8.73
C ALA A 29 -18.56 -12.85 7.82
N GLU A 30 -17.63 -13.57 8.42
CA GLU A 30 -16.56 -14.23 7.66
C GLU A 30 -17.08 -15.18 6.58
N PRO A 31 -16.52 -15.07 5.38
CA PRO A 31 -16.89 -15.98 4.30
C PRO A 31 -16.30 -17.36 4.53
N PRO A 32 -16.87 -18.37 3.88
CA PRO A 32 -16.32 -19.73 3.98
C PRO A 32 -15.03 -19.91 3.20
N ILE A 33 -14.27 -20.95 3.52
CA ILE A 33 -13.15 -21.35 2.68
C ILE A 33 -13.69 -22.24 1.56
N LEU A 34 -13.55 -21.77 0.32
CA LEU A 34 -14.08 -22.48 -0.83
C LEU A 34 -13.07 -23.48 -1.40
N TYR A 35 -13.57 -24.46 -2.15
CA TYR A 35 -12.70 -25.40 -2.84
C TYR A 35 -12.46 -24.96 -4.28
N SER A 36 -11.32 -25.36 -4.83
CA SER A 36 -11.01 -25.13 -6.24
C SER A 36 -11.51 -26.28 -7.08
N GLU A 37 -11.42 -26.13 -8.40
CA GLU A 37 -11.81 -27.21 -9.30
C GLU A 37 -10.62 -28.05 -9.73
N TYR A 38 -9.60 -28.10 -8.89
CA TYR A 38 -8.36 -28.78 -9.26
C TYR A 38 -8.61 -30.22 -9.71
N ASP A 39 -8.03 -30.52 -10.87
CA ASP A 39 -8.11 -31.83 -11.52
C ASP A 39 -6.78 -32.57 -11.39
N PRO A 40 -6.67 -33.48 -10.41
CA PRO A 40 -5.36 -34.11 -10.26
C PRO A 40 -5.05 -35.17 -11.31
N THR A 41 -5.93 -35.40 -12.27
CA THR A 41 -5.63 -36.41 -13.28
C THR A 41 -4.66 -35.91 -14.34
N ARG A 42 -4.44 -34.60 -14.39
CA ARG A 42 -3.58 -33.98 -15.41
C ARG A 42 -2.55 -33.05 -14.80
N PRO A 43 -1.43 -32.86 -15.51
CA PRO A 43 -0.48 -31.82 -15.09
C PRO A 43 -1.06 -30.44 -15.32
N PHE A 44 -0.50 -29.43 -14.65
CA PHE A 44 -0.89 -28.05 -14.94
C PHE A 44 -0.32 -27.60 -16.27
N SER A 45 -1.03 -26.66 -16.88
CA SER A 45 -0.48 -25.78 -17.89
C SER A 45 -0.68 -24.36 -17.37
N GLU A 46 -0.05 -23.39 -18.01
CA GLU A 46 -0.27 -22.00 -17.65
C GLU A 46 -1.76 -21.66 -17.72
N ALA A 47 -2.39 -22.07 -18.81
CA ALA A 47 -3.82 -21.83 -19.00
C ALA A 47 -4.67 -22.51 -17.91
N SER A 48 -4.38 -23.77 -17.59
CA SER A 48 -5.25 -24.45 -16.63
C SER A 48 -5.03 -23.91 -15.22
N MET A 49 -3.80 -23.51 -14.88
CA MET A 49 -3.58 -22.96 -13.54
C MET A 49 -4.28 -21.61 -13.44
N MET A 50 -4.15 -20.78 -14.46
CA MET A 50 -4.86 -19.51 -14.43
C MET A 50 -6.37 -19.71 -14.38
N GLY A 51 -6.86 -20.73 -15.10
CA GLY A 51 -8.27 -21.08 -15.05
C GLY A 51 -8.73 -21.42 -13.65
N LEU A 52 -7.94 -22.23 -12.95
CA LEU A 52 -8.27 -22.62 -11.58
C LEU A 52 -8.32 -21.43 -10.65
N LEU A 53 -7.31 -20.58 -10.74
CA LEU A 53 -7.20 -19.45 -9.82
C LEU A 53 -8.30 -18.43 -10.06
N THR A 54 -8.64 -18.17 -11.32
CA THR A 54 -9.65 -17.16 -11.62
C THR A 54 -11.06 -17.70 -11.38
N ASN A 55 -11.26 -18.99 -11.60
CA ASN A 55 -12.52 -19.66 -11.26
C ASN A 55 -12.76 -19.54 -9.76
N LEU A 56 -11.70 -19.76 -8.97
CA LEU A 56 -11.78 -19.66 -7.53
C LEU A 56 -12.08 -18.22 -7.11
N ALA A 57 -11.33 -17.28 -7.67
CA ALA A 57 -11.52 -15.87 -7.36
C ALA A 57 -12.95 -15.44 -7.62
N ASP A 58 -13.50 -15.88 -8.74
N ASP A 58 -13.52 -15.90 -8.72
CA ASP A 58 -14.86 -15.49 -9.10
CA ASP A 58 -14.86 -15.51 -9.09
C ASP A 58 -15.87 -15.96 -8.08
C ASP A 58 -15.87 -15.95 -8.05
N ARG A 59 -15.74 -17.21 -7.65
N ARG A 59 -15.76 -17.20 -7.64
CA ARG A 59 -16.67 -17.71 -6.64
CA ARG A 59 -16.67 -17.69 -6.64
C ARG A 59 -16.46 -17.03 -5.28
C ARG A 59 -16.46 -17.02 -5.27
N GLU A 60 -15.21 -16.75 -4.92
CA GLU A 60 -14.95 -16.00 -3.68
C GLU A 60 -15.52 -14.58 -3.75
N LEU A 61 -15.48 -13.97 -4.92
CA LEU A 61 -15.99 -12.61 -5.09
C LEU A 61 -17.48 -12.51 -4.74
N VAL A 62 -18.25 -13.53 -5.07
CA VAL A 62 -19.67 -13.53 -4.73
C VAL A 62 -19.86 -13.50 -3.22
N HIS A 63 -19.09 -14.31 -2.50
CA HIS A 63 -19.14 -14.26 -1.05
C HIS A 63 -18.63 -12.94 -0.51
N MET A 64 -17.64 -12.35 -1.20
CA MET A 64 -17.06 -11.10 -0.75
C MET A 64 -18.07 -9.97 -0.79
N ILE A 65 -18.89 -9.96 -1.84
CA ILE A 65 -19.91 -8.93 -1.99
C ILE A 65 -20.87 -8.99 -0.81
N ASN A 66 -21.25 -10.19 -0.42
CA ASN A 66 -22.21 -10.31 0.66
C ASN A 66 -21.57 -10.09 2.03
N TRP A 67 -20.28 -10.42 2.15
CA TRP A 67 -19.51 -10.09 3.35
C TRP A 67 -19.38 -8.57 3.54
N ALA A 68 -19.11 -7.86 2.46
CA ALA A 68 -18.90 -6.41 2.53
C ALA A 68 -20.15 -5.74 3.10
N LYS A 69 -21.31 -6.25 2.69
CA LYS A 69 -22.57 -5.70 3.16
C LYS A 69 -22.77 -5.86 4.66
N ARG A 70 -21.97 -6.72 5.28
CA ARG A 70 -22.08 -6.95 6.71
C ARG A 70 -21.01 -6.20 7.48
N VAL A 71 -20.11 -5.55 6.77
CA VAL A 71 -19.11 -4.75 7.44
C VAL A 71 -19.76 -3.46 7.94
N PRO A 72 -19.66 -3.17 9.26
CA PRO A 72 -20.34 -1.98 9.75
C PRO A 72 -20.09 -0.73 8.96
N GLY A 73 -21.20 -0.08 8.59
CA GLY A 73 -21.13 1.15 7.84
C GLY A 73 -21.17 1.03 6.33
N PHE A 74 -20.84 -0.14 5.79
CA PHE A 74 -20.72 -0.28 4.34
C PHE A 74 -22.04 -0.10 3.59
N VAL A 75 -23.11 -0.72 4.08
CA VAL A 75 -24.36 -0.67 3.33
C VAL A 75 -25.06 0.68 3.45
N ASP A 76 -24.58 1.55 4.34
CA ASP A 76 -25.08 2.92 4.44
C ASP A 76 -24.59 3.79 3.28
N LEU A 77 -23.51 3.35 2.65
CA LEU A 77 -22.93 4.10 1.54
C LEU A 77 -23.86 4.01 0.35
N THR A 78 -23.76 4.99 -0.56
CA THR A 78 -24.46 4.88 -1.85
C THR A 78 -23.98 3.62 -2.57
N LEU A 79 -24.81 3.08 -3.43
CA LEU A 79 -24.42 1.91 -4.21
C LEU A 79 -23.16 2.21 -5.04
N HIS A 80 -23.03 3.44 -5.53
CA HIS A 80 -21.84 3.81 -6.29
C HIS A 80 -20.57 3.72 -5.43
N ASP A 81 -20.66 4.17 -4.19
CA ASP A 81 -19.50 4.13 -3.31
C ASP A 81 -19.18 2.69 -2.89
N GLN A 82 -20.20 1.87 -2.71
CA GLN A 82 -20.00 0.46 -2.43
C GLN A 82 -19.26 -0.21 -3.59
N VAL A 83 -19.72 0.09 -4.80
CA VAL A 83 -19.08 -0.43 -6.01
C VAL A 83 -17.62 0.01 -6.04
N HIS A 84 -17.37 1.31 -5.81
CA HIS A 84 -16.02 1.84 -5.87
C HIS A 84 -15.08 1.15 -4.88
N LEU A 85 -15.52 1.02 -3.63
CA LEU A 85 -14.67 0.41 -2.62
C LEU A 85 -14.33 -1.03 -2.95
N LEU A 86 -15.30 -1.82 -3.40
CA LEU A 86 -15.02 -3.20 -3.78
C LEU A 86 -14.14 -3.28 -5.03
N GLU A 87 -14.42 -2.46 -6.03
CA GLU A 87 -13.57 -2.44 -7.23
C GLU A 87 -12.08 -2.16 -6.91
N SCH A 88 -11.87 -1.27 -5.94
N SCH A 88 -11.87 -1.27 -5.94
CA SCH A 88 -10.55 -0.92 -5.50
CA SCH A 88 -10.55 -0.92 -5.51
CB SCH A 88 -10.53 0.37 -4.66
CB SCH A 88 -10.46 0.38 -4.68
SG SCH A 88 -8.94 1.00 -4.24
SG SCH A 88 -10.76 1.83 -5.63
SD SCH A 88 -7.94 1.29 -6.06
SD SCH A 88 -9.18 1.85 -7.02
CE SCH A 88 -9.24 1.96 -7.01
CE SCH A 88 -8.07 3.10 -6.50
C SCH A 88 -9.88 -2.00 -4.66
C SCH A 88 -9.88 -2.00 -4.66
O SCH A 88 -8.60 -2.29 -5.00
O SCH A 88 -8.61 -2.30 -5.00
N ALA A 89 -10.62 -2.60 -3.74
CA ALA A 89 -10.02 -3.48 -2.77
C ALA A 89 -10.07 -4.98 -3.05
N TRP A 90 -10.79 -5.41 -4.08
CA TRP A 90 -11.13 -6.84 -4.16
C TRP A 90 -9.92 -7.78 -4.16
N LEU A 91 -8.86 -7.43 -4.88
CA LEU A 91 -7.72 -8.34 -4.95
C LEU A 91 -6.88 -8.24 -3.67
N GLU A 92 -6.81 -7.06 -3.07
CA GLU A 92 -6.20 -6.95 -1.74
C GLU A 92 -6.90 -7.87 -0.75
N ILE A 93 -8.22 -7.89 -0.81
CA ILE A 93 -9.00 -8.69 0.11
C ILE A 93 -8.81 -10.19 -0.17
N LEU A 94 -8.79 -10.59 -1.45
CA LEU A 94 -8.50 -11.99 -1.77
C LEU A 94 -7.12 -12.38 -1.28
N MET A 95 -6.16 -11.47 -1.43
CA MET A 95 -4.78 -11.78 -1.07
C MET A 95 -4.57 -11.86 0.44
N ILE A 96 -5.18 -10.97 1.20
CA ILE A 96 -4.96 -11.03 2.64
C ILE A 96 -5.65 -12.30 3.17
N GLY A 97 -6.77 -12.69 2.56
CA GLY A 97 -7.39 -13.95 2.93
C GLY A 97 -6.48 -15.14 2.64
N LEU A 98 -5.88 -15.13 1.46
CA LEU A 98 -4.95 -16.19 1.06
C LEU A 98 -3.76 -16.28 2.03
N VAL A 99 -3.19 -15.13 2.36
CA VAL A 99 -2.02 -15.10 3.23
C VAL A 99 -2.40 -15.63 4.62
N TRP A 100 -3.58 -15.24 5.09
CA TRP A 100 -4.10 -15.74 6.36
C TRP A 100 -4.29 -17.27 6.36
N ARG A 101 -4.92 -17.80 5.30
CA ARG A 101 -5.13 -19.25 5.17
C ARG A 101 -3.84 -20.03 5.18
N SER A 102 -2.78 -19.37 4.72
CA SER A 102 -1.50 -20.03 4.43
C SER A 102 -0.54 -19.97 5.58
N MET A 103 -0.92 -19.25 6.63
CA MET A 103 -0.02 -19.04 7.75
C MET A 103 0.56 -20.30 8.34
N GLU A 104 -0.28 -21.33 8.50
CA GLU A 104 0.21 -22.54 9.15
C GLU A 104 0.72 -23.56 8.13
N HIS A 105 1.04 -23.07 6.92
CA HIS A 105 1.63 -23.88 5.87
C HIS A 105 2.89 -23.23 5.30
N PRO A 106 4.00 -23.24 6.06
CA PRO A 106 5.21 -22.57 5.57
C PRO A 106 5.65 -23.03 4.18
N GLY A 107 5.98 -22.07 3.32
CA GLY A 107 6.42 -22.36 1.97
C GLY A 107 5.32 -22.66 0.98
N LYS A 108 4.07 -22.58 1.42
CA LYS A 108 2.95 -22.91 0.55
C LYS A 108 1.84 -21.87 0.61
N LEU A 109 1.11 -21.76 -0.50
CA LEU A 109 -0.08 -20.91 -0.55
C LEU A 109 -1.32 -21.79 -0.63
N LEU A 110 -2.14 -21.72 0.41
CA LEU A 110 -3.35 -22.51 0.48
C LEU A 110 -4.48 -21.76 -0.22
N PHE A 111 -4.50 -21.84 -1.55
CA PHE A 111 -5.54 -21.17 -2.32
C PHE A 111 -6.88 -21.77 -1.94
N ALA A 112 -6.87 -23.09 -1.78
CA ALA A 112 -8.04 -23.84 -1.36
C ALA A 112 -7.53 -25.09 -0.66
N PRO A 113 -8.39 -25.76 0.11
CA PRO A 113 -7.91 -26.97 0.80
C PRO A 113 -7.39 -28.03 -0.18
N ASN A 114 -7.93 -28.03 -1.40
CA ASN A 114 -7.46 -28.95 -2.43
C ASN A 114 -6.52 -28.28 -3.43
N LEU A 115 -6.02 -27.10 -3.10
CA LEU A 115 -5.10 -26.39 -3.98
C LEU A 115 -4.05 -25.65 -3.16
N LEU A 116 -3.03 -26.39 -2.78
CA LEU A 116 -1.96 -25.90 -1.93
C LEU A 116 -0.69 -25.88 -2.77
N LEU A 117 -0.24 -24.69 -3.14
CA LEU A 117 0.82 -24.54 -4.15
C LEU A 117 2.10 -23.97 -3.56
N ASP A 118 3.26 -24.42 -4.05
CA ASP A 118 4.52 -23.80 -3.66
C ASP A 118 5.10 -22.97 -4.81
N ARG A 119 6.21 -22.28 -4.57
CA ARG A 119 6.72 -21.33 -5.55
C ARG A 119 7.12 -22.02 -6.85
N ASN A 120 7.52 -23.28 -6.77
CA ASN A 120 7.90 -24.00 -7.97
C ASN A 120 6.69 -24.28 -8.87
N GLN A 121 5.52 -24.42 -8.26
CA GLN A 121 4.31 -24.60 -9.04
C GLN A 121 3.85 -23.26 -9.62
N GLY A 122 4.18 -22.16 -8.94
CA GLY A 122 3.86 -20.84 -9.44
C GLY A 122 4.60 -20.53 -10.73
N LYS A 123 5.74 -21.19 -10.93
CA LYS A 123 6.58 -20.96 -12.12
C LYS A 123 5.85 -21.40 -13.39
N SCH A 124 4.78 -22.20 -13.21
N SCH A 124 4.80 -22.18 -13.21
CA SCH A 124 3.90 -22.59 -14.28
CA SCH A 124 3.93 -22.54 -14.30
CB SCH A 124 2.82 -23.60 -13.85
CB SCH A 124 2.85 -23.48 -13.81
SG SCH A 124 3.42 -25.10 -13.14
SG SCH A 124 1.96 -24.17 -15.14
SD SCH A 124 4.19 -26.28 -14.70
SD SCH A 124 3.32 -25.36 -16.23
CE SCH A 124 3.45 -25.58 -16.11
CE SCH A 124 3.99 -26.33 -14.95
C SCH A 124 3.14 -21.47 -15.01
C SCH A 124 3.15 -21.45 -15.04
O SCH A 124 2.55 -21.64 -16.09
O SCH A 124 2.54 -21.59 -16.09
N VAL A 125 3.13 -20.28 -14.42
CA VAL A 125 2.47 -19.20 -15.08
C VAL A 125 3.53 -18.14 -15.22
N GLU A 126 3.69 -17.64 -16.42
CA GLU A 126 4.67 -16.59 -16.65
C GLU A 126 4.39 -15.38 -15.76
N GLY A 127 5.40 -14.94 -15.00
CA GLY A 127 5.28 -13.76 -14.17
C GLY A 127 4.65 -13.99 -12.81
N MET A 128 4.31 -15.23 -12.52
CA MET A 128 3.56 -15.52 -11.31
C MET A 128 4.46 -15.80 -10.11
N VAL A 129 5.61 -16.42 -10.33
CA VAL A 129 6.43 -16.80 -9.19
C VAL A 129 6.84 -15.58 -8.36
N GLU A 130 7.03 -14.44 -9.01
CA GLU A 130 7.38 -13.21 -8.30
C GLU A 130 6.27 -12.80 -7.32
N ILE A 131 5.02 -12.98 -7.75
CA ILE A 131 3.88 -12.67 -6.91
C ILE A 131 3.71 -13.72 -5.81
N PHE A 132 3.88 -15.00 -6.14
CA PHE A 132 3.89 -16.06 -5.13
C PHE A 132 4.91 -15.74 -4.04
N ASP A 133 6.11 -15.33 -4.43
CA ASP A 133 7.17 -15.05 -3.46
C ASP A 133 6.76 -13.93 -2.51
N MET A 134 6.10 -12.91 -3.03
CA MET A 134 5.65 -11.82 -2.17
C MET A 134 4.57 -12.31 -1.20
N LEU A 135 3.64 -13.12 -1.70
CA LEU A 135 2.56 -13.64 -0.86
C LEU A 135 3.11 -14.55 0.23
N LEU A 136 4.07 -15.41 -0.13
CA LEU A 136 4.68 -16.29 0.86
C LEU A 136 5.41 -15.50 1.94
N ALA A 137 6.10 -14.43 1.53
CA ALA A 137 6.82 -13.60 2.49
C ALA A 137 5.87 -12.93 3.46
N THR A 138 4.69 -12.55 2.97
CA THR A 138 3.71 -11.89 3.82
C THR A 138 3.12 -12.90 4.80
N SER A 139 2.92 -14.13 4.32
CA SER A 139 2.43 -15.19 5.19
C SER A 139 3.44 -15.43 6.30
N SER A 140 4.72 -15.45 5.95
CA SER A 140 5.77 -15.61 6.95
C SER A 140 5.72 -14.48 7.96
N ARG A 141 5.51 -13.27 7.47
CA ARG A 141 5.44 -12.12 8.36
C ARG A 141 4.28 -12.27 9.34
N PHE A 142 3.13 -12.69 8.84
CA PHE A 142 1.98 -12.95 9.70
C PHE A 142 2.33 -13.98 10.76
N ARG A 143 3.03 -15.03 10.33
CA ARG A 143 3.37 -16.11 11.23
C ARG A 143 4.27 -15.62 12.35
N MET A 144 5.29 -14.88 11.96
CA MET A 144 6.27 -14.37 12.92
C MET A 144 5.61 -13.43 13.93
N MET A 145 4.66 -12.62 13.46
CA MET A 145 3.89 -11.72 14.32
C MET A 145 2.84 -12.43 15.17
N ASN A 146 2.58 -13.69 14.85
CA ASN A 146 1.50 -14.44 15.48
C ASN A 146 0.17 -13.70 15.34
N LEU A 147 -0.13 -13.30 14.11
CA LEU A 147 -1.37 -12.60 13.81
C LEU A 147 -2.57 -13.41 14.27
N GLN A 148 -3.48 -12.76 14.98
CA GLN A 148 -4.68 -13.42 15.51
C GLN A 148 -5.85 -13.26 14.55
N GLY A 149 -6.79 -14.20 14.61
CA GLY A 149 -7.97 -14.16 13.76
C GLY A 149 -8.75 -12.86 13.93
N GLU A 150 -8.86 -12.41 15.18
CA GLU A 150 -9.57 -11.17 15.48
C GLU A 150 -8.86 -9.96 14.86
N GLU A 151 -7.53 -9.98 14.85
CA GLU A 151 -6.79 -8.92 14.19
C GLU A 151 -6.97 -8.99 12.68
N PHE A 152 -6.93 -10.20 12.14
CA PHE A 152 -7.10 -10.42 10.71
C PHE A 152 -8.41 -9.83 10.20
N VAL A 153 -9.53 -10.10 10.87
CA VAL A 153 -10.80 -9.60 10.35
C VAL A 153 -10.86 -8.07 10.44
N CYS A 154 -10.22 -7.48 11.45
CA CYS A 154 -10.12 -6.02 11.51
C CYS A 154 -9.35 -5.46 10.32
N LEU A 155 -8.20 -6.06 10.00
CA LEU A 155 -7.38 -5.61 8.88
C LEU A 155 -8.11 -5.73 7.55
N LYS A 156 -8.85 -6.81 7.37
CA LYS A 156 -9.55 -7.03 6.12
C LYS A 156 -10.65 -5.98 5.92
N SER A 157 -11.35 -5.64 7.00
N SER A 157 -11.31 -5.58 6.99
CA SER A 157 -12.36 -4.58 6.94
CA SER A 157 -12.35 -4.60 6.80
C SER A 157 -11.74 -3.21 6.72
C SER A 157 -11.73 -3.19 6.72
N ILE A 158 -10.57 -2.98 7.32
CA ILE A 158 -9.84 -1.74 7.08
C ILE A 158 -9.50 -1.59 5.58
N ILE A 159 -9.04 -2.67 4.95
CA ILE A 159 -8.72 -2.62 3.53
C ILE A 159 -9.95 -2.25 2.70
N LEU A 160 -11.08 -2.87 2.98
CA LEU A 160 -12.31 -2.57 2.25
C LEU A 160 -12.67 -1.08 2.33
N LEU A 161 -12.58 -0.51 3.52
CA LEU A 161 -13.03 0.86 3.74
C LEU A 161 -11.98 1.89 3.35
N ASN A 162 -10.70 1.51 3.43
CA ASN A 162 -9.62 2.48 3.20
C ASN A 162 -9.11 2.58 1.76
N SER A 163 -8.99 1.46 1.06
CA SER A 163 -8.21 1.47 -0.17
C SER A 163 -8.76 2.43 -1.21
N GLY A 164 -10.09 2.53 -1.31
CA GLY A 164 -10.68 3.44 -2.27
C GLY A 164 -11.19 4.76 -1.72
N VAL A 165 -10.87 5.06 -0.46
CA VAL A 165 -11.53 6.20 0.18
C VAL A 165 -10.99 7.56 -0.30
N TYR A 166 -9.77 7.62 -0.83
CA TYR A 166 -9.25 8.90 -1.32
C TYR A 166 -9.33 9.01 -2.82
N THR A 167 -10.24 8.21 -3.36
CA THR A 167 -10.84 8.40 -4.66
C THR A 167 -12.29 8.75 -4.33
N PHE A 168 -12.47 9.21 -3.09
CA PHE A 168 -13.77 9.40 -2.42
C PHE A 168 -14.69 8.17 -2.49
N LYS A 179 -17.48 10.41 3.42
CA LYS A 179 -16.06 10.45 3.67
C LYS A 179 -15.80 10.35 5.15
N ASP A 180 -16.42 11.28 5.85
CA ASP A 180 -16.31 11.39 7.28
C ASP A 180 -16.90 10.16 7.93
N HIS A 181 -17.97 9.66 7.35
CA HIS A 181 -18.61 8.48 7.89
C HIS A 181 -17.65 7.30 7.85
N ILE A 182 -16.95 7.14 6.73
CA ILE A 182 -16.05 6.02 6.59
C ILE A 182 -14.95 6.18 7.61
N HIS A 183 -14.46 7.41 7.76
CA HIS A 183 -13.37 7.67 8.68
C HIS A 183 -13.73 7.37 10.11
N ARG A 184 -14.99 7.56 10.47
CA ARG A 184 -15.41 7.22 11.82
C ARG A 184 -15.44 5.72 12.03
N VAL A 185 -15.87 4.96 11.04
CA VAL A 185 -15.84 3.52 11.17
C VAL A 185 -14.40 3.04 11.22
N LEU A 186 -13.54 3.60 10.39
CA LEU A 186 -12.13 3.26 10.42
C LEU A 186 -11.52 3.51 11.81
N ASP A 187 -11.87 4.64 12.43
CA ASP A 187 -11.41 4.94 13.79
C ASP A 187 -11.90 3.91 14.80
N LYS A 188 -13.13 3.42 14.59
CA LYS A 188 -13.70 2.45 15.50
C LYS A 188 -12.96 1.12 15.38
N ILE A 189 -12.53 0.77 14.17
CA ILE A 189 -11.75 -0.45 13.99
C ILE A 189 -10.38 -0.30 14.66
N THR A 190 -9.79 0.90 14.59
CA THR A 190 -8.55 1.17 15.32
C THR A 190 -8.75 0.94 16.81
N ASP A 191 -9.82 1.51 17.36
CA ASP A 191 -10.13 1.31 18.79
C ASP A 191 -10.21 -0.18 19.10
N THR A 192 -10.81 -0.91 18.18
CA THR A 192 -11.05 -2.34 18.35
C THR A 192 -9.72 -3.12 18.33
N LEU A 193 -8.82 -2.77 17.42
CA LEU A 193 -7.49 -3.41 17.40
C LEU A 193 -6.74 -3.20 18.71
N ILE A 194 -6.74 -1.96 19.19
CA ILE A 194 -6.07 -1.63 20.45
C ILE A 194 -6.69 -2.40 21.61
N HIS A 195 -8.01 -2.47 21.62
CA HIS A 195 -8.75 -3.21 22.64
C HIS A 195 -8.35 -4.69 22.65
N LEU A 196 -8.25 -5.30 21.47
CA LEU A 196 -7.81 -6.68 21.33
C LEU A 196 -6.41 -6.89 21.91
N MET A 197 -5.51 -5.97 21.58
CA MET A 197 -4.14 -6.10 22.05
C MET A 197 -4.04 -5.91 23.56
N ALA A 198 -4.80 -4.95 24.08
CA ALA A 198 -4.84 -4.72 25.52
C ALA A 198 -5.37 -5.96 26.24
N LYS A 199 -6.46 -6.51 25.71
CA LYS A 199 -7.10 -7.67 26.28
C LYS A 199 -6.13 -8.86 26.27
N ALA A 200 -5.25 -8.87 25.27
CA ALA A 200 -4.25 -9.94 25.12
C ALA A 200 -3.02 -9.72 26.01
N GLY A 201 -3.00 -8.60 26.75
CA GLY A 201 -1.96 -8.37 27.73
C GLY A 201 -0.76 -7.56 27.26
N LEU A 202 -0.84 -6.98 26.05
CA LEU A 202 0.25 -6.17 25.55
C LEU A 202 0.38 -4.89 26.37
N THR A 203 1.62 -4.45 26.61
CA THR A 203 1.85 -3.18 27.28
C THR A 203 1.37 -2.04 26.39
N LEU A 204 1.20 -0.87 26.98
CA LEU A 204 0.76 0.30 26.24
C LEU A 204 1.66 0.60 25.05
N GLN A 205 2.98 0.53 25.27
N GLN A 205 2.97 0.50 25.27
CA GLN A 205 3.92 0.76 24.17
CA GLN A 205 3.91 0.76 24.20
C GLN A 205 3.81 -0.35 23.13
C GLN A 205 3.81 -0.34 23.14
N GLN A 206 3.64 -1.59 23.60
CA GLN A 206 3.50 -2.71 22.67
C GLN A 206 2.27 -2.56 21.81
N GLN A 207 1.24 -1.95 22.36
CA GLN A 207 0.01 -1.77 21.62
C GLN A 207 0.21 -0.86 20.41
N HIS A 208 0.85 0.29 20.59
CA HIS A 208 1.01 1.17 19.45
C HIS A 208 2.07 0.62 18.48
N GLN A 209 3.07 -0.09 19.00
CA GLN A 209 4.06 -0.69 18.10
C GLN A 209 3.43 -1.75 17.22
N ARG A 210 2.56 -2.58 17.79
CA ARG A 210 1.95 -3.64 17.00
C ARG A 210 0.90 -3.10 16.04
N LEU A 211 0.15 -2.09 16.49
CA LEU A 211 -0.80 -1.43 15.59
C LEU A 211 -0.08 -0.98 14.33
N ALA A 212 1.07 -0.33 14.52
CA ALA A 212 1.85 0.16 13.38
C ALA A 212 2.37 -1.00 12.51
N GLN A 213 2.89 -2.04 13.13
CA GLN A 213 3.39 -3.21 12.37
C GLN A 213 2.28 -3.81 11.50
N LEU A 214 1.09 -3.95 12.07
CA LEU A 214 -0.02 -4.51 11.33
C LEU A 214 -0.44 -3.62 10.17
N LEU A 215 -0.52 -2.32 10.42
CA LEU A 215 -1.01 -1.42 9.38
C LEU A 215 0.02 -1.24 8.25
N LEU A 216 1.30 -1.35 8.57
CA LEU A 216 2.32 -1.25 7.53
C LEU A 216 2.26 -2.42 6.57
N ILE A 217 1.75 -3.56 7.02
CA ILE A 217 1.63 -4.70 6.13
C ILE A 217 0.59 -4.40 5.06
N LEU A 218 -0.35 -3.51 5.37
CA LEU A 218 -1.33 -3.13 4.36
C LEU A 218 -0.68 -2.43 3.16
N SER A 219 0.47 -1.77 3.34
CA SER A 219 1.24 -1.18 2.25
CA SER A 219 1.12 -1.18 2.18
C SER A 219 1.70 -2.27 1.29
N HIS A 220 2.20 -3.34 1.89
CA HIS A 220 2.65 -4.48 1.12
C HIS A 220 1.53 -5.19 0.40
N ILE A 221 0.37 -5.27 1.04
CA ILE A 221 -0.76 -5.92 0.40
C ILE A 221 -1.24 -5.09 -0.78
N ARG A 222 -1.20 -3.76 -0.65
CA ARG A 222 -1.52 -2.90 -1.77
C ARG A 222 -0.58 -3.14 -2.93
N HIS A 223 0.71 -3.22 -2.62
CA HIS A 223 1.73 -3.45 -3.63
C HIS A 223 1.48 -4.75 -4.37
N MET A 224 1.19 -5.81 -3.62
CA MET A 224 0.93 -7.12 -4.22
C MET A 224 -0.30 -7.09 -5.10
N SER A 225 -1.34 -6.40 -4.65
CA SER A 225 -2.55 -6.28 -5.46
C SER A 225 -2.27 -5.55 -6.77
N ASN A 226 -1.49 -4.49 -6.72
CA ASN A 226 -1.17 -3.77 -7.95
C ASN A 226 -0.38 -4.64 -8.92
N LYS A 227 0.57 -5.43 -8.40
CA LYS A 227 1.32 -6.32 -9.26
C LYS A 227 0.43 -7.44 -9.80
N GLY A 228 -0.45 -7.94 -8.95
CA GLY A 228 -1.38 -8.99 -9.34
C GLY A 228 -2.35 -8.52 -10.40
N MET A 229 -2.77 -7.26 -10.30
CA MET A 229 -3.73 -6.69 -11.24
C MET A 229 -3.08 -6.57 -12.62
N GLU A 230 -1.84 -6.11 -12.65
CA GLU A 230 -1.11 -6.04 -13.88
C GLU A 230 -0.89 -7.41 -14.49
N HIS A 231 -0.62 -8.38 -13.65
CA HIS A 231 -0.44 -9.75 -14.11
C HIS A 231 -1.72 -10.29 -14.75
N LEU A 232 -2.83 -10.14 -14.03
CA LEU A 232 -4.12 -10.61 -14.52
C LEU A 232 -4.46 -9.95 -15.85
N TYR A 233 -4.20 -8.65 -15.95
CA TYR A 233 -4.45 -7.92 -17.18
C TYR A 233 -3.63 -8.51 -18.34
N SER A 234 -2.39 -8.87 -18.07
N SER A 234 -2.38 -8.85 -18.07
CA SER A 234 -1.53 -9.43 -19.12
CA SER A 234 -1.52 -9.46 -19.07
C SER A 234 -2.07 -10.80 -19.57
C SER A 234 -2.10 -10.78 -19.56
N MET A 235 -2.57 -11.58 -18.62
CA MET A 235 -3.17 -12.88 -18.94
C MET A 235 -4.40 -12.71 -19.82
N LYS A 236 -5.24 -11.77 -19.45
CA LYS A 236 -6.43 -11.45 -20.26
C LYS A 236 -6.04 -11.11 -21.70
N SCH A 237 -5.10 -10.17 -21.79
CA SCH A 237 -4.68 -9.51 -23.00
CB SCH A 237 -3.88 -8.23 -22.75
SG SCH A 237 -4.89 -6.90 -22.07
SD SCH A 237 -6.20 -6.37 -23.55
CE SCH A 237 -7.56 -7.20 -23.04
C SCH A 237 -3.90 -10.45 -23.91
O SCH A 237 -3.73 -10.17 -25.07
N LYS A 238 -3.47 -11.58 -23.39
CA LYS A 238 -2.83 -12.65 -24.14
C LYS A 238 -3.78 -13.81 -24.41
N ASN A 239 -5.06 -13.63 -24.06
CA ASN A 239 -6.06 -14.69 -24.23
C ASN A 239 -5.66 -16.01 -23.59
N VAL A 240 -4.97 -15.94 -22.45
CA VAL A 240 -4.59 -17.13 -21.70
C VAL A 240 -5.81 -17.79 -21.06
N VAL A 241 -6.70 -16.96 -20.52
CA VAL A 241 -7.92 -17.42 -19.85
C VAL A 241 -9.09 -16.51 -20.13
N PRO A 242 -10.27 -17.10 -20.29
CA PRO A 242 -11.51 -16.35 -20.33
C PRO A 242 -11.86 -15.89 -18.92
N LEU A 243 -12.24 -14.63 -18.78
CA LEU A 243 -12.62 -14.10 -17.48
C LEU A 243 -14.12 -13.86 -17.44
N SER A 244 -14.72 -14.09 -16.27
CA SER A 244 -16.13 -13.80 -16.05
C SER A 244 -16.41 -12.32 -16.25
N ASP A 245 -17.68 -11.97 -16.46
CA ASP A 245 -18.04 -10.57 -16.59
C ASP A 245 -17.63 -9.78 -15.35
N LEU A 246 -17.82 -10.39 -14.19
CA LEU A 246 -17.46 -9.75 -12.93
C LEU A 246 -15.96 -9.43 -12.89
N LEU A 247 -15.12 -10.42 -13.16
CA LEU A 247 -13.68 -10.19 -13.13
C LEU A 247 -13.25 -9.20 -14.21
N LEU A 248 -13.85 -9.29 -15.39
CA LEU A 248 -13.56 -8.34 -16.45
C LEU A 248 -13.83 -6.92 -15.97
N GLU A 249 -14.94 -6.73 -15.27
CA GLU A 249 -15.31 -5.38 -14.86
C GLU A 249 -14.50 -4.94 -13.64
N MET A 250 -14.13 -5.88 -12.77
CA MET A 250 -13.28 -5.54 -11.63
C MET A 250 -11.92 -5.12 -12.13
N LEU A 251 -11.42 -5.90 -13.07
CA LEU A 251 -10.12 -5.64 -13.65
C LEU A 251 -10.14 -4.30 -14.40
N ASP A 252 -11.23 -4.06 -15.12
CA ASP A 252 -11.45 -2.82 -15.86
C ASP A 252 -11.43 -1.56 -15.02
N ALA A 253 -11.89 -1.69 -13.79
CA ALA A 253 -11.95 -0.56 -12.89
C ALA A 253 -10.56 0.02 -12.62
N HIS A 254 -9.54 -0.80 -12.90
CA HIS A 254 -8.17 -0.41 -12.60
C HIS A 254 -7.42 0.10 -13.82
N LEU B 15 18.14 4.57 17.59
CA LEU B 15 18.77 3.45 18.26
C LEU B 15 18.75 3.73 19.78
N SER B 16 19.62 4.61 20.22
CA SER B 16 19.64 5.05 21.60
C SER B 16 19.25 6.48 21.64
N LEU B 17 18.53 6.87 20.60
CA LEU B 17 18.09 8.23 20.51
C LEU B 17 16.81 8.35 21.30
N THR B 18 16.59 9.52 21.88
CA THR B 18 15.30 9.81 22.46
C THR B 18 14.37 10.25 21.36
N ALA B 19 13.08 10.19 21.62
CA ALA B 19 12.09 10.71 20.68
C ALA B 19 12.47 12.08 20.14
N ASP B 20 12.82 13.03 21.00
CA ASP B 20 13.15 14.37 20.51
C ASP B 20 14.42 14.33 19.69
N GLN B 21 15.31 13.43 20.05
CA GLN B 21 16.57 13.29 19.32
C GLN B 21 16.35 12.78 17.93
N MET B 22 15.42 11.84 17.84
CA MET B 22 15.04 11.26 16.57
C MET B 22 14.41 12.33 15.69
N VAL B 23 13.50 13.12 16.26
CA VAL B 23 12.84 14.18 15.50
C VAL B 23 13.84 15.23 14.99
N SER B 24 14.73 15.66 15.87
N SER B 24 14.74 15.68 15.85
CA SER B 24 15.75 16.64 15.48
CA SER B 24 15.72 16.67 15.44
C SER B 24 16.66 16.09 14.39
C SER B 24 16.67 16.09 14.38
N ALA B 25 17.03 14.82 14.53
CA ALA B 25 17.89 14.17 13.52
C ALA B 25 17.19 14.10 12.17
N LEU B 26 15.92 13.70 12.17
CA LEU B 26 15.17 13.62 10.92
C LEU B 26 14.97 15.01 10.32
N LEU B 27 14.68 16.00 11.17
CA LEU B 27 14.52 17.36 10.68
C LEU B 27 15.84 17.87 10.09
N ASP B 28 16.95 17.61 10.77
CA ASP B 28 18.26 18.06 10.30
C ASP B 28 18.61 17.44 8.95
N ALA B 29 18.16 16.20 8.75
CA ALA B 29 18.53 15.41 7.58
C ALA B 29 17.76 15.79 6.31
N GLU B 30 16.75 16.64 6.45
CA GLU B 30 15.87 16.96 5.33
C GLU B 30 16.62 17.44 4.10
N PRO B 31 16.25 16.93 2.92
CA PRO B 31 16.91 17.36 1.69
C PRO B 31 16.46 18.76 1.32
N PRO B 32 17.19 19.42 0.43
CA PRO B 32 16.75 20.76 0.06
C PRO B 32 15.55 20.74 -0.88
N ILE B 33 14.87 21.89 -0.96
CA ILE B 33 13.84 22.08 -1.95
C ILE B 33 14.47 22.62 -3.22
N LEU B 34 14.34 21.86 -4.31
CA LEU B 34 15.01 22.25 -5.54
C LEU B 34 14.09 23.02 -6.47
N TYR B 35 14.69 23.75 -7.39
CA TYR B 35 13.94 24.52 -8.35
C TYR B 35 13.92 23.85 -9.68
N SER B 36 12.99 24.29 -10.49
CA SER B 36 12.88 23.94 -11.88
C SER B 36 13.41 25.09 -12.74
N GLU B 37 13.04 25.08 -14.02
CA GLU B 37 13.47 26.08 -15.00
C GLU B 37 12.48 27.24 -15.13
N TYR B 38 12.98 28.47 -15.13
CA TYR B 38 12.11 29.66 -15.08
C TYR B 38 11.54 30.05 -16.45
N PHE B 44 3.04 24.30 -22.78
CA PHE B 44 3.82 23.10 -22.51
C PHE B 44 3.22 21.86 -23.16
N SER B 45 4.03 21.21 -23.99
CA SER B 45 3.65 19.93 -24.59
C SER B 45 3.90 18.79 -23.61
N GLU B 46 3.60 17.58 -24.05
CA GLU B 46 3.89 16.39 -23.28
C GLU B 46 5.37 16.27 -22.99
N ALA B 47 6.15 16.49 -24.04
CA ALA B 47 7.58 16.30 -24.01
C ALA B 47 8.28 17.29 -23.07
N SER B 48 7.82 18.54 -23.03
CA SER B 48 8.48 19.52 -22.16
C SER B 48 8.08 19.35 -20.69
N MET B 49 6.82 19.05 -20.42
CA MET B 49 6.40 18.85 -19.03
C MET B 49 7.05 17.60 -18.44
N MET B 50 7.05 16.51 -19.19
CA MET B 50 7.72 15.29 -18.72
C MET B 50 9.22 15.54 -18.57
N GLY B 51 9.77 16.37 -19.44
CA GLY B 51 11.16 16.75 -19.34
C GLY B 51 11.44 17.46 -18.02
N LEU B 52 10.62 18.44 -17.68
CA LEU B 52 10.81 19.20 -16.44
C LEU B 52 10.65 18.31 -15.22
N LEU B 53 9.60 17.50 -15.20
CA LEU B 53 9.33 16.66 -14.04
C LEU B 53 10.43 15.61 -13.85
N THR B 54 10.90 15.00 -14.94
CA THR B 54 11.90 13.95 -14.81
C THR B 54 13.29 14.53 -14.51
N ASN B 55 13.57 15.71 -15.04
CA ASN B 55 14.81 16.42 -14.71
C ASN B 55 14.84 16.76 -13.22
N LEU B 56 13.70 17.22 -12.70
CA LEU B 56 13.58 17.53 -11.28
C LEU B 56 13.75 16.26 -10.43
N ALA B 57 13.04 15.21 -10.80
CA ALA B 57 13.11 13.94 -10.09
C ALA B 57 14.55 13.43 -10.01
N ASP B 58 15.26 13.46 -11.13
CA ASP B 58 16.65 13.02 -11.16
C ASP B 58 17.51 13.81 -10.18
N ARG B 59 17.37 15.14 -10.19
CA ARG B 59 18.17 15.95 -9.29
C ARG B 59 17.79 15.71 -7.83
N GLU B 60 16.50 15.50 -7.55
CA GLU B 60 16.07 15.20 -6.20
C GLU B 60 16.59 13.86 -5.71
N LEU B 61 16.69 12.90 -6.61
CA LEU B 61 17.14 11.55 -6.25
C LEU B 61 18.56 11.58 -5.67
N VAL B 62 19.41 12.42 -6.24
CA VAL B 62 20.77 12.53 -5.74
C VAL B 62 20.76 13.00 -4.28
N HIS B 63 19.92 13.98 -3.95
CA HIS B 63 19.81 14.41 -2.55
C HIS B 63 19.11 13.39 -1.67
N MET B 64 18.21 12.61 -2.25
CA MET B 64 17.51 11.58 -1.51
C MET B 64 18.47 10.54 -0.96
N ILE B 65 19.48 10.19 -1.75
CA ILE B 65 20.45 9.18 -1.34
C ILE B 65 21.23 9.68 -0.12
N ASN B 66 21.64 10.95 -0.12
CA ASN B 66 22.28 11.54 1.06
C ASN B 66 21.39 11.58 2.29
N TRP B 67 20.13 11.93 2.09
CA TRP B 67 19.17 11.95 3.18
C TRP B 67 19.01 10.57 3.77
N ALA B 68 18.93 9.55 2.91
CA ALA B 68 18.75 8.18 3.39
C ALA B 68 19.87 7.80 4.35
N LYS B 69 21.09 8.21 4.03
CA LYS B 69 22.24 7.85 4.86
C LYS B 69 22.17 8.52 6.25
N ARG B 70 21.30 9.51 6.40
CA ARG B 70 21.14 10.20 7.68
C ARG B 70 19.91 9.74 8.46
N VAL B 71 19.13 8.84 7.88
CA VAL B 71 18.02 8.27 8.62
C VAL B 71 18.61 7.27 9.60
N PRO B 72 18.42 7.51 10.91
CA PRO B 72 19.06 6.66 11.93
C PRO B 72 18.79 5.18 11.70
N GLY B 73 19.86 4.40 11.63
CA GLY B 73 19.76 2.98 11.40
C GLY B 73 20.05 2.53 9.98
N PHE B 74 19.90 3.43 9.01
CA PHE B 74 20.01 3.06 7.60
C PHE B 74 21.41 2.59 7.21
N VAL B 75 22.44 3.28 7.67
CA VAL B 75 23.79 2.89 7.26
C VAL B 75 24.30 1.69 8.07
N ASP B 76 23.52 1.26 9.06
CA ASP B 76 23.87 0.04 9.80
C ASP B 76 23.51 -1.21 8.98
N LEU B 77 22.65 -1.02 7.97
CA LEU B 77 22.28 -2.04 7.00
C LEU B 77 23.40 -2.36 6.02
N THR B 78 23.40 -3.55 5.42
CA THR B 78 24.35 -3.81 4.33
C THR B 78 24.08 -2.89 3.18
N LEU B 79 25.11 -2.71 2.36
CA LEU B 79 24.95 -1.96 1.12
C LEU B 79 23.86 -2.57 0.23
N HIS B 80 23.78 -3.90 0.15
CA HIS B 80 22.76 -4.56 -0.67
C HIS B 80 21.36 -4.15 -0.24
N ASP B 81 21.17 -4.08 1.07
CA ASP B 81 19.87 -3.74 1.63
C ASP B 81 19.56 -2.26 1.47
N GLN B 82 20.57 -1.42 1.60
CA GLN B 82 20.42 0.01 1.42
C GLN B 82 19.97 0.30 -0.01
N VAL B 83 20.63 -0.37 -0.96
CA VAL B 83 20.26 -0.24 -2.36
C VAL B 83 18.83 -0.71 -2.58
N HIS B 84 18.48 -1.88 -2.02
CA HIS B 84 17.15 -2.43 -2.21
C HIS B 84 16.07 -1.50 -1.70
N LEU B 85 16.26 -0.94 -0.51
CA LEU B 85 15.22 -0.10 0.07
C LEU B 85 15.02 1.16 -0.74
N LEU B 86 16.11 1.79 -1.18
CA LEU B 86 15.99 3.00 -1.98
C LEU B 86 15.36 2.73 -3.35
N GLU B 87 15.77 1.65 -3.99
CA GLU B 87 15.19 1.31 -5.30
C GLU B 87 13.65 1.06 -5.19
N SCH B 88 13.22 0.48 -4.07
N SCH B 88 13.23 0.48 -4.07
CA SCH B 88 11.81 0.19 -3.81
CA SCH B 88 11.85 0.21 -3.83
CB SCH B 88 11.58 -0.83 -2.66
CB SCH B 88 11.67 -0.79 -2.68
SG SCH B 88 9.95 -1.37 -2.23
SG SCH B 88 12.17 -2.40 -3.16
SD SCH B 88 9.20 -2.19 -4.00
SD SCH B 88 10.86 -2.87 -4.74
CE SCH B 88 10.62 -2.87 -4.75
CE SCH B 88 9.35 -2.32 -4.08
C SCH B 88 11.01 1.46 -3.52
C SCH B 88 11.02 1.46 -3.53
O SCH B 88 9.89 1.67 -3.98
O SCH B 88 9.90 1.67 -3.99
N ALA B 89 11.62 2.33 -2.72
CA ALA B 89 10.89 3.44 -2.13
C ALA B 89 11.00 4.79 -2.81
N TRP B 90 11.90 4.94 -3.79
CA TRP B 90 12.24 6.27 -4.25
C TRP B 90 11.05 7.09 -4.76
N LEU B 91 10.11 6.48 -5.49
CA LEU B 91 9.00 7.27 -6.03
C LEU B 91 7.99 7.58 -4.93
N GLU B 92 7.77 6.65 -4.00
CA GLU B 92 6.94 6.95 -2.83
C GLU B 92 7.48 8.16 -2.09
N ILE B 93 8.80 8.21 -1.97
CA ILE B 93 9.46 9.27 -1.24
C ILE B 93 9.37 10.60 -1.99
N LEU B 94 9.55 10.59 -3.30
CA LEU B 94 9.34 11.81 -4.07
C LEU B 94 7.90 12.28 -3.94
N MET B 95 6.97 11.33 -3.94
CA MET B 95 5.55 11.68 -3.92
C MET B 95 5.11 12.23 -2.56
N ILE B 96 5.56 11.64 -1.46
CA ILE B 96 5.11 12.16 -0.18
C ILE B 96 5.74 13.54 0.03
N GLY B 97 6.95 13.76 -0.51
CA GLY B 97 7.55 15.08 -0.47
C GLY B 97 6.70 16.09 -1.22
N LEU B 98 6.28 15.71 -2.42
CA LEU B 98 5.46 16.58 -3.27
C LEU B 98 4.16 16.94 -2.58
N VAL B 99 3.50 15.93 -2.03
CA VAL B 99 2.24 16.15 -1.34
C VAL B 99 2.42 17.08 -0.14
N TRP B 100 3.47 16.88 0.63
CA TRP B 100 3.75 17.76 1.76
C TRP B 100 3.95 19.22 1.29
N ARG B 101 4.76 19.40 0.25
CA ARG B 101 5.02 20.72 -0.29
C ARG B 101 3.74 21.39 -0.76
N SER B 102 2.79 20.58 -1.19
CA SER B 102 1.59 21.08 -1.84
C SER B 102 0.45 21.34 -0.87
N MET B 103 0.66 21.00 0.39
CA MET B 103 -0.45 21.03 1.31
C MET B 103 -1.19 22.33 1.41
N GLU B 104 -0.44 23.42 1.49
CA GLU B 104 -1.11 24.70 1.64
C GLU B 104 -1.40 25.32 0.29
N HIS B 105 -1.51 24.49 -0.74
CA HIS B 105 -1.90 24.95 -2.05
C HIS B 105 -3.02 24.08 -2.60
N PRO B 106 -4.24 24.22 -2.05
CA PRO B 106 -5.38 23.41 -2.49
C PRO B 106 -5.56 23.44 -4.00
N GLY B 107 -5.67 22.28 -4.63
CA GLY B 107 -5.90 22.20 -6.06
C GLY B 107 -4.64 22.27 -6.91
N LYS B 108 -3.49 22.43 -6.25
CA LYS B 108 -2.24 22.55 -6.97
C LYS B 108 -1.15 21.63 -6.45
N LEU B 109 -0.20 21.31 -7.31
CA LEU B 109 0.96 20.52 -6.93
C LEU B 109 2.24 21.36 -7.05
N LEU B 110 2.88 21.59 -5.90
CA LEU B 110 4.10 22.39 -5.85
C LEU B 110 5.31 21.50 -6.11
N PHE B 111 5.54 21.17 -7.37
CA PHE B 111 6.68 20.36 -7.76
C PHE B 111 7.97 21.08 -7.36
N ALA B 112 7.99 22.39 -7.60
CA ALA B 112 9.06 23.27 -7.16
C ALA B 112 8.46 24.65 -6.91
N PRO B 113 9.17 25.52 -6.16
CA PRO B 113 8.61 26.85 -5.89
C PRO B 113 8.28 27.61 -7.17
N ASN B 114 9.01 27.32 -8.25
CA ASN B 114 8.71 27.95 -9.53
C ASN B 114 8.06 26.98 -10.51
N LEU B 115 7.45 25.94 -9.97
CA LEU B 115 6.72 24.98 -10.77
C LEU B 115 5.52 24.49 -9.99
N LEU B 116 4.52 25.36 -9.92
CA LEU B 116 3.30 25.10 -9.18
C LEU B 116 2.20 24.83 -10.19
N LEU B 117 1.86 23.56 -10.35
CA LEU B 117 0.97 23.13 -11.42
C LEU B 117 -0.45 22.93 -10.93
N ASP B 118 -1.41 23.54 -11.63
CA ASP B 118 -2.81 23.34 -11.34
C ASP B 118 -3.19 21.93 -11.74
N ARG B 119 -4.33 21.45 -11.23
CA ARG B 119 -4.81 20.13 -11.56
C ARG B 119 -4.87 19.88 -13.08
N ASN B 120 -5.47 20.80 -13.83
CA ASN B 120 -5.67 20.65 -15.28
C ASN B 120 -4.40 20.60 -16.15
N GLN B 121 -3.28 21.08 -15.61
CA GLN B 121 -2.04 21.05 -16.34
C GLN B 121 -1.56 19.59 -16.45
N GLY B 122 -2.10 18.73 -15.59
CA GLY B 122 -1.82 17.31 -15.68
C GLY B 122 -2.28 16.72 -17.00
N LYS B 123 -3.29 17.33 -17.60
CA LYS B 123 -3.83 16.86 -18.88
C LYS B 123 -2.87 16.98 -20.06
N SCH B 124 -1.80 17.74 -19.86
CA SCH B 124 -0.78 17.94 -20.85
CB SCH B 124 0.17 19.13 -20.60
SG SCH B 124 -0.41 20.72 -20.02
SD SCH B 124 -1.34 21.49 -21.61
CE SCH B 124 -2.27 22.73 -20.78
C SCH B 124 0.00 16.69 -21.14
O SCH B 124 0.64 16.64 -22.17
N VAL B 125 -0.06 15.67 -20.28
CA VAL B 125 0.69 14.44 -20.50
C VAL B 125 -0.31 13.32 -20.48
N GLU B 126 -0.24 12.41 -21.45
CA GLU B 126 -1.17 11.28 -21.47
C GLU B 126 -1.04 10.50 -20.16
N GLY B 127 -2.17 10.22 -19.53
CA GLY B 127 -2.23 9.40 -18.34
C GLY B 127 -1.89 10.10 -17.03
N MET B 128 -1.55 11.38 -17.12
CA MET B 128 -1.02 12.08 -15.96
C MET B 128 -2.11 12.63 -15.02
N VAL B 129 -3.27 13.03 -15.56
CA VAL B 129 -4.26 13.69 -14.72
C VAL B 129 -4.79 12.75 -13.63
N GLU B 130 -4.86 11.46 -13.93
CA GLU B 130 -5.32 10.50 -12.93
C GLU B 130 -4.37 10.45 -11.73
N ILE B 131 -3.07 10.56 -12.03
CA ILE B 131 -2.08 10.53 -10.97
C ILE B 131 -2.09 11.86 -10.20
N PHE B 132 -2.20 12.97 -10.92
CA PHE B 132 -2.36 14.28 -10.27
C PHE B 132 -3.52 14.26 -9.27
N ASP B 133 -4.65 13.69 -9.68
CA ASP B 133 -5.83 13.62 -8.82
C ASP B 133 -5.57 12.83 -7.53
N MET B 134 -4.82 11.74 -7.65
CA MET B 134 -4.46 10.95 -6.47
C MET B 134 -3.56 11.73 -5.54
N LEU B 135 -2.61 12.46 -6.11
CA LEU B 135 -1.71 13.26 -5.31
C LEU B 135 -2.43 14.41 -4.61
N LEU B 136 -3.29 15.10 -5.35
CA LEU B 136 -4.09 16.18 -4.81
C LEU B 136 -5.01 15.68 -3.68
N ALA B 137 -5.59 14.50 -3.86
CA ALA B 137 -6.45 13.92 -2.83
C ALA B 137 -5.64 13.64 -1.56
N THR B 138 -4.40 13.21 -1.73
CA THR B 138 -3.53 12.95 -0.58
C THR B 138 -3.18 14.25 0.12
N SER B 139 -2.90 15.29 -0.65
CA SER B 139 -2.56 16.58 -0.08
C SER B 139 -3.74 17.12 0.70
N SER B 140 -4.92 16.93 0.15
CA SER B 140 -6.15 17.30 0.83
C SER B 140 -6.29 16.58 2.15
N ARG B 141 -5.97 15.30 2.13
CA ARG B 141 -6.09 14.50 3.33
C ARG B 141 -5.12 15.00 4.41
N PHE B 142 -3.88 15.31 4.02
CA PHE B 142 -2.91 15.87 4.96
C PHE B 142 -3.41 17.17 5.54
N ARG B 143 -4.03 18.00 4.70
CA ARG B 143 -4.52 19.30 5.11
C ARG B 143 -5.63 19.11 6.13
N MET B 144 -6.56 18.22 5.82
CA MET B 144 -7.65 17.90 6.73
C MET B 144 -7.13 17.44 8.10
N MET B 145 -6.09 16.62 8.08
CA MET B 145 -5.50 16.12 9.33
C MET B 145 -4.58 17.12 10.02
N ASN B 146 -4.30 18.23 9.35
CA ASN B 146 -3.32 19.19 9.83
C ASN B 146 -1.99 18.49 10.13
N LEU B 147 -1.51 17.73 9.14
CA LEU B 147 -0.23 17.04 9.30
C LEU B 147 0.87 18.02 9.68
N GLN B 148 1.67 17.64 10.68
CA GLN B 148 2.79 18.46 11.13
C GLN B 148 4.08 18.04 10.47
N GLY B 149 5.01 18.98 10.34
CA GLY B 149 6.29 18.70 9.73
C GLY B 149 7.03 17.56 10.40
N GLU B 150 6.93 17.50 11.73
CA GLU B 150 7.63 16.47 12.49
C GLU B 150 7.03 15.09 12.22
N GLU B 151 5.72 15.05 12.01
CA GLU B 151 5.04 13.82 11.63
C GLU B 151 5.43 13.40 10.22
N PHE B 152 5.47 14.37 9.31
CA PHE B 152 5.85 14.11 7.92
C PHE B 152 7.21 13.44 7.80
N VAL B 153 8.22 13.94 8.51
CA VAL B 153 9.56 13.35 8.38
C VAL B 153 9.59 11.93 8.96
N CYS B 154 8.79 11.67 10.00
CA CYS B 154 8.67 10.30 10.50
C CYS B 154 8.09 9.38 9.44
N LEU B 155 7.01 9.82 8.80
CA LEU B 155 6.37 9.04 7.76
C LEU B 155 7.31 8.73 6.60
N LYS B 156 8.09 9.73 6.20
CA LYS B 156 8.98 9.53 5.07
C LYS B 156 10.05 8.49 5.40
N SER B 157 10.52 8.49 6.65
N SER B 157 10.52 8.47 6.64
CA SER B 157 11.51 7.51 7.07
CA SER B 157 11.55 7.52 6.95
C SER B 157 10.89 6.13 7.15
C SER B 157 10.91 6.12 7.16
N ILE B 158 9.65 6.06 7.58
CA ILE B 158 8.94 4.78 7.63
C ILE B 158 8.80 4.20 6.22
N ILE B 159 8.46 5.03 5.24
CA ILE B 159 8.38 4.58 3.85
C ILE B 159 9.69 3.95 3.39
N LEU B 160 10.79 4.64 3.67
CA LEU B 160 12.10 4.14 3.28
C LEU B 160 12.39 2.76 3.87
N LEU B 161 12.10 2.60 5.16
CA LEU B 161 12.46 1.37 5.87
C LEU B 161 11.45 0.25 5.65
N ASN B 162 10.22 0.61 5.33
CA ASN B 162 9.17 -0.38 5.21
C ASN B 162 8.97 -0.93 3.83
N SER B 163 9.07 -0.10 2.80
CA SER B 163 8.41 -0.50 1.57
C SER B 163 9.07 -1.75 0.97
N GLY B 164 10.38 -1.91 1.11
CA GLY B 164 11.01 -3.12 0.67
C GLY B 164 11.43 -4.15 1.71
N VAL B 165 10.96 -4.04 2.96
CA VAL B 165 11.54 -4.86 4.03
C VAL B 165 11.16 -6.35 4.06
N TYR B 166 9.98 -6.72 3.57
CA TYR B 166 9.62 -8.14 3.45
C TYR B 166 10.23 -8.77 2.21
N THR B 167 10.72 -7.96 1.27
CA THR B 167 11.35 -8.54 0.08
C THR B 167 12.86 -8.40 0.07
N LYS B 179 16.58 -8.01 9.06
CA LYS B 179 15.15 -7.77 9.22
C LYS B 179 14.80 -7.22 10.59
N ASP B 180 15.36 -7.85 11.62
CA ASP B 180 15.05 -7.41 12.95
C ASP B 180 15.61 -6.07 13.38
N HIS B 181 16.81 -5.71 12.95
CA HIS B 181 17.30 -4.40 13.32
C HIS B 181 16.38 -3.34 12.67
N ILE B 182 15.91 -3.60 11.46
CA ILE B 182 15.01 -2.64 10.80
C ILE B 182 13.67 -2.59 11.50
N HIS B 183 13.18 -3.71 12.01
CA HIS B 183 11.92 -3.65 12.70
C HIS B 183 12.05 -2.91 14.02
N ARG B 184 13.25 -2.92 14.58
CA ARG B 184 13.51 -2.14 15.78
C ARG B 184 13.54 -0.67 15.50
N VAL B 185 14.15 -0.29 14.39
CA VAL B 185 14.18 1.11 14.02
C VAL B 185 12.76 1.57 13.68
N LEU B 186 11.99 0.73 13.00
CA LEU B 186 10.61 1.08 12.67
C LEU B 186 9.79 1.31 13.95
N ASP B 187 9.97 0.46 14.95
CA ASP B 187 9.27 0.62 16.22
C ASP B 187 9.63 1.94 16.90
N LYS B 188 10.90 2.32 16.80
CA LYS B 188 11.36 3.58 17.36
C LYS B 188 10.70 4.76 16.67
N ILE B 189 10.49 4.69 15.36
CA ILE B 189 9.82 5.79 14.68
C ILE B 189 8.35 5.84 15.09
N THR B 190 7.72 4.69 15.28
CA THR B 190 6.36 4.66 15.79
C THR B 190 6.31 5.35 17.16
N ASP B 191 7.26 5.00 18.03
CA ASP B 191 7.37 5.62 19.35
C ASP B 191 7.46 7.13 19.21
N THR B 192 8.20 7.57 18.21
CA THR B 192 8.46 8.99 17.99
C THR B 192 7.19 9.71 17.54
N LEU B 193 6.43 9.10 16.63
CA LEU B 193 5.13 9.64 16.23
C LEU B 193 4.19 9.77 17.41
N ILE B 194 4.13 8.73 18.25
CA ILE B 194 3.24 8.75 19.39
C ILE B 194 3.69 9.85 20.38
N HIS B 195 5.00 9.99 20.54
CA HIS B 195 5.58 11.05 21.39
C HIS B 195 5.15 12.43 20.94
N LEU B 196 5.18 12.65 19.63
CA LEU B 196 4.76 13.92 19.06
C LEU B 196 3.29 14.19 19.36
N MET B 197 2.47 13.15 19.26
CA MET B 197 1.04 13.33 19.48
C MET B 197 0.70 13.54 20.96
N ALA B 198 1.43 12.86 21.83
CA ALA B 198 1.22 13.07 23.25
C ALA B 198 1.60 14.51 23.62
N LYS B 199 2.72 14.97 23.05
CA LYS B 199 3.19 16.33 23.28
C LYS B 199 2.16 17.35 22.81
N ALA B 200 1.44 17.02 21.74
CA ALA B 200 0.42 17.91 21.21
C ALA B 200 -0.86 17.90 22.04
N GLY B 201 -0.94 17.01 23.02
CA GLY B 201 -2.07 17.00 23.94
C GLY B 201 -3.18 16.01 23.62
N LEU B 202 -2.93 15.17 22.61
CA LEU B 202 -3.91 14.16 22.25
C LEU B 202 -4.07 13.12 23.35
N THR B 203 -5.30 12.67 23.53
CA THR B 203 -5.59 11.59 24.45
C THR B 203 -5.02 10.31 23.87
N LEU B 204 -4.90 9.28 24.71
CA LEU B 204 -4.45 7.97 24.26
C LEU B 204 -5.24 7.50 23.06
N GLN B 205 -6.56 7.58 23.17
CA GLN B 205 -7.44 7.12 22.11
C GLN B 205 -7.17 7.90 20.83
N GLN B 206 -6.96 9.21 20.98
CA GLN B 206 -6.73 10.07 19.83
C GLN B 206 -5.37 9.80 19.19
N GLN B 207 -4.40 9.44 20.03
CA GLN B 207 -3.08 9.11 19.53
C GLN B 207 -3.15 7.88 18.65
N HIS B 208 -3.78 6.82 19.15
CA HIS B 208 -3.84 5.59 18.36
C HIS B 208 -4.64 5.81 17.07
N GLN B 209 -5.75 6.54 17.15
CA GLN B 209 -6.52 6.81 15.95
C GLN B 209 -5.71 7.58 14.92
N ARG B 210 -4.94 8.57 15.37
CA ARG B 210 -4.18 9.39 14.44
C ARG B 210 -3.03 8.60 13.84
N LEU B 211 -2.37 7.79 14.67
CA LEU B 211 -1.32 6.93 14.17
C LEU B 211 -1.85 6.05 13.03
N ALA B 212 -3.01 5.44 13.26
CA ALA B 212 -3.64 4.59 12.24
C ALA B 212 -3.99 5.38 10.99
N GLN B 213 -4.54 6.57 11.16
CA GLN B 213 -4.89 7.41 10.02
C GLN B 213 -3.67 7.71 9.16
N LEU B 214 -2.57 8.07 9.81
CA LEU B 214 -1.34 8.39 9.10
C LEU B 214 -0.77 7.19 8.35
N LEU B 215 -0.74 6.03 9.02
CA LEU B 215 -0.15 4.85 8.38
C LEU B 215 -1.02 4.33 7.23
N LEU B 216 -2.33 4.53 7.31
CA LEU B 216 -3.20 4.10 6.21
C LEU B 216 -2.96 4.93 4.96
N ILE B 217 -2.50 6.17 5.13
CA ILE B 217 -2.18 6.98 3.97
C ILE B 217 -0.98 6.40 3.23
N LEU B 218 -0.12 5.66 3.94
CA LEU B 218 1.02 5.03 3.27
C LEU B 218 0.58 3.98 2.25
N SER B 219 -0.58 3.35 2.47
N SER B 219 -0.58 3.35 2.47
CA SER B 219 -1.11 2.39 1.50
CA SER B 219 -1.11 2.48 1.43
C SER B 219 -1.46 3.13 0.21
C SER B 219 -1.44 3.18 0.18
N HIS B 220 -1.98 4.34 0.37
N HIS B 220 -1.98 4.37 0.34
CA HIS B 220 -2.35 5.14 -0.78
CA HIS B 220 -2.32 5.17 -0.81
C HIS B 220 -1.12 5.68 -1.51
C HIS B 220 -1.09 5.66 -1.53
N ILE B 221 -0.07 6.02 -0.76
CA ILE B 221 1.18 6.47 -1.36
C ILE B 221 1.82 5.31 -2.15
N ARG B 222 1.74 4.09 -1.63
CA ARG B 222 2.24 2.93 -2.37
C ARG B 222 1.48 2.76 -3.68
N HIS B 223 0.16 2.84 -3.60
CA HIS B 223 -0.67 2.74 -4.78
C HIS B 223 -0.25 3.77 -5.84
N MET B 224 -0.05 5.01 -5.42
CA MET B 224 0.30 6.07 -6.37
C MET B 224 1.67 5.81 -6.98
N SER B 225 2.59 5.32 -6.15
CA SER B 225 3.92 4.97 -6.66
C SER B 225 3.84 3.85 -7.69
N ASN B 226 3.04 2.81 -7.41
CA ASN B 226 2.88 1.72 -8.36
C ASN B 226 2.37 2.27 -9.71
N LYS B 227 1.40 3.18 -9.62
CA LYS B 227 0.79 3.77 -10.82
C LYS B 227 1.76 4.67 -11.54
N GLY B 228 2.49 5.48 -10.78
CA GLY B 228 3.46 6.39 -11.34
C GLY B 228 4.59 5.66 -12.03
N MET B 229 4.96 4.49 -11.49
CA MET B 229 6.02 3.68 -12.06
C MET B 229 5.62 3.15 -13.42
N GLU B 230 4.36 2.72 -13.53
CA GLU B 230 3.91 2.23 -14.82
C GLU B 230 3.85 3.40 -15.81
N HIS B 231 3.44 4.58 -15.35
CA HIS B 231 3.37 5.73 -16.24
C HIS B 231 4.77 6.10 -16.76
N LEU B 232 5.75 6.13 -15.87
CA LEU B 232 7.11 6.49 -16.27
C LEU B 232 7.69 5.48 -17.26
N TYR B 233 7.35 4.22 -17.04
CA TYR B 233 7.80 3.14 -17.92
C TYR B 233 7.27 3.35 -19.31
N SER B 234 6.02 3.72 -19.37
CA SER B 234 5.38 3.95 -20.61
C SER B 234 6.01 5.14 -21.32
N MET B 235 6.29 6.20 -20.58
CA MET B 235 6.98 7.34 -21.13
C MET B 235 8.36 6.93 -21.60
N LYS B 236 9.00 6.02 -20.90
CA LYS B 236 10.32 5.57 -21.32
C LYS B 236 10.28 4.83 -22.68
N SCH B 237 9.34 3.91 -22.80
CA SCH B 237 9.15 3.18 -24.03
CB SCH B 237 7.94 2.32 -23.87
SG SCH B 237 8.12 1.01 -22.77
SD SCH B 237 9.75 0.16 -22.33
CE SCH B 237 10.22 -0.47 -23.91
C SCH B 237 8.86 4.06 -25.22
O SCH B 237 9.37 3.73 -26.29
N LYS B 238 8.12 5.14 -25.07
CA LYS B 238 7.79 6.05 -26.16
C LYS B 238 8.81 7.11 -26.66
N ASN B 239 9.97 7.18 -26.03
CA ASN B 239 11.08 8.07 -26.11
C ASN B 239 10.51 9.44 -26.03
N VAL B 240 9.36 9.49 -25.34
CA VAL B 240 8.87 10.83 -25.07
C VAL B 240 9.93 11.77 -24.51
N VAL B 241 10.85 11.24 -23.74
CA VAL B 241 11.65 12.10 -22.91
C VAL B 241 13.00 11.45 -22.66
N PRO B 242 14.10 12.23 -22.75
CA PRO B 242 15.33 11.59 -22.28
C PRO B 242 15.32 11.45 -20.77
N LEU B 243 15.63 10.25 -20.29
CA LEU B 243 15.72 9.99 -18.87
C LEU B 243 17.18 9.73 -18.50
N SER B 244 17.61 10.24 -17.34
CA SER B 244 18.98 10.02 -16.87
C SER B 244 19.27 8.55 -16.60
N ASP B 245 20.56 8.18 -16.57
CA ASP B 245 20.97 6.81 -16.22
C ASP B 245 20.41 6.39 -14.87
N LEU B 246 20.59 7.26 -13.87
CA LEU B 246 20.11 7.00 -12.53
C LEU B 246 18.62 6.70 -12.52
N LEU B 247 17.87 7.54 -13.21
CA LEU B 247 16.42 7.37 -13.22
C LEU B 247 16.07 6.06 -13.96
N LEU B 248 16.79 5.76 -15.03
CA LEU B 248 16.61 4.48 -15.72
C LEU B 248 16.89 3.28 -14.81
N GLU B 249 17.94 3.39 -13.99
CA GLU B 249 18.26 2.30 -13.08
C GLU B 249 17.23 2.16 -11.97
N MET B 250 16.73 3.29 -11.47
CA MET B 250 15.71 3.24 -10.43
C MET B 250 14.40 2.68 -10.98
N LEU B 251 14.01 3.08 -12.19
CA LEU B 251 12.82 2.55 -12.85
C LEU B 251 12.96 1.04 -13.05
N ASP B 252 14.15 0.69 -13.53
CA ASP B 252 14.54 -0.67 -13.91
C ASP B 252 14.42 -1.68 -12.78
N ALA B 253 14.59 -1.20 -11.56
CA ALA B 253 14.53 -2.06 -10.38
C ALA B 253 13.13 -2.60 -10.17
N HIS B 254 12.16 -1.99 -10.84
CA HIS B 254 10.77 -2.34 -10.60
C HIS B 254 10.19 -3.30 -11.61
N ARG B 255 10.94 -3.64 -12.63
CA ARG B 255 10.48 -4.71 -13.47
C ARG B 255 11.60 -5.68 -13.71
C ACE C 1 -25.23 0.77 -17.03
O ACE C 1 -25.98 0.94 -17.99
CH3 ACE C 1 -23.72 0.94 -17.19
N HIS C 2 -25.68 0.28 -15.89
CA HIS C 2 -24.84 0.11 -14.70
C HIS C 2 -23.98 -1.19 -14.72
N LYS C 3 -22.90 -1.10 -13.97
CA LYS C 3 -21.98 -2.20 -13.83
C LYS C 3 -22.73 -3.38 -13.22
C MK8 C 4 -22.79 -5.78 -11.63
N MK8 C 4 -22.24 -4.55 -13.55
O MK8 C 4 -23.71 -6.18 -10.98
CA MK8 C 4 -22.78 -5.77 -13.04
CB MK8 C 4 -21.87 -6.87 -13.63
CD MK8 C 4 -21.32 -8.78 -11.99
CE MK8 C 4 -21.57 -10.08 -11.56
CG MK8 C 4 -22.19 -8.30 -13.15
CB1 MK8 C 4 -24.18 -5.93 -13.62
N LEU C 5 -21.71 -5.25 -10.97
CA LEU C 5 -21.61 -5.22 -9.52
C LEU C 5 -22.62 -4.45 -8.88
N HIS C 6 -23.04 -3.32 -9.52
CA HIS C 6 -24.13 -2.49 -8.97
C HIS C 6 -25.34 -3.21 -8.80
N ARG C 7 -25.67 -4.19 -9.70
CA ARG C 7 -26.86 -5.01 -9.50
C ARG C 7 -26.69 -6.03 -8.59
C MK8 C 8 -25.35 -7.34 -6.34
N MK8 C 8 -25.52 -6.70 -8.59
O MK8 C 8 -25.69 -8.02 -5.41
CA MK8 C 8 -25.28 -7.81 -7.80
CB MK8 C 8 -23.91 -8.35 -7.78
CD MK8 C 8 -22.18 -9.63 -9.18
CE MK8 C 8 -21.94 -10.46 -10.32
CG MK8 C 8 -23.64 -9.17 -9.09
CB1 MK8 C 8 -26.35 -8.81 -7.89
N LEU C 9 -24.95 -6.11 -6.04
CA LEU C 9 -24.93 -5.55 -4.66
C LEU C 9 -26.33 -5.40 -4.04
N GLN C 10 -27.33 -5.42 -4.89
CA GLN C 10 -28.72 -5.23 -4.43
C GLN C 10 -29.47 -6.54 -4.14
N ASP C 11 -28.89 -7.66 -4.45
CA ASP C 11 -29.52 -8.98 -4.21
C ASP C 11 -29.35 -9.25 -2.76
N SER C 12 -30.45 -9.34 -2.11
CA SER C 12 -30.52 -9.52 -0.69
C SER C 12 -30.91 -10.98 -0.40
N NH2 C 13 -31.98 -11.09 0.35
C ACE D 1 27.78 -3.21 -12.05
O ACE D 1 28.25 -3.77 -13.02
CH3 ACE D 1 26.73 -3.91 -11.25
N HIS D 2 28.22 -2.02 -11.60
CA HIS D 2 27.65 -1.33 -10.46
C HIS D 2 26.76 -0.24 -10.94
N LYS D 3 25.67 -0.09 -10.19
CA LYS D 3 24.71 0.89 -10.53
C LYS D 3 25.30 2.06 -9.86
C MK8 D 4 25.15 4.44 -8.29
N MK8 D 4 24.82 3.20 -10.25
O MK8 D 4 25.97 4.87 -7.52
CA MK8 D 4 25.29 4.44 -9.68
CB MK8 D 4 24.43 5.46 -10.33
CD MK8 D 4 23.90 7.46 -9.12
CE MK8 D 4 24.21 8.74 -8.75
CG MK8 D 4 24.86 6.84 -10.03
CB1 MK8 D 4 26.71 4.60 -10.10
N LEU D 5 23.96 3.86 -7.80
CA LEU D 5 23.60 3.84 -6.39
C LEU D 5 24.48 3.28 -5.57
N HIS D 6 25.04 2.13 -5.99
CA HIS D 6 26.02 1.46 -5.20
C HIS D 6 27.13 2.28 -4.91
N ARG D 7 27.71 3.14 -5.80
CA ARG D 7 28.90 3.99 -5.43
C ARG D 7 28.54 5.06 -4.61
C MK8 D 8 26.81 6.73 -2.92
N MK8 D 8 27.45 5.78 -4.93
O MK8 D 8 26.87 7.58 -2.03
CA MK8 D 8 27.03 7.01 -4.32
CB MK8 D 8 25.78 7.46 -4.50
CD MK8 D 8 24.37 8.18 -6.40
CE MK8 D 8 24.43 9.08 -7.44
CG MK8 D 8 25.72 7.89 -5.90
CB1 MK8 D 8 28.12 8.03 -4.35
N LEU D 9 26.37 5.48 -2.58
CA LEU D 9 26.08 5.13 -1.23
C LEU D 9 27.29 5.12 -0.36
N GLN D 10 28.46 5.21 -0.98
CA GLN D 10 29.67 5.24 -0.14
C GLN D 10 30.40 6.57 -0.21
N ASP D 11 30.21 7.34 -1.28
CA ASP D 11 30.89 8.63 -1.53
C ASP D 11 30.66 9.54 -0.32
N SER D 12 31.58 9.50 0.65
CA SER D 12 31.60 10.33 1.86
C SER D 12 30.27 11.00 2.24
N NH2 D 13 29.17 10.46 1.77
C1 EST E . -7.09 -16.26 -6.52
C2 EST E . -7.84 -16.53 -5.41
C3 EST E . -7.43 -16.02 -4.19
O3 EST E . -8.14 -16.28 -3.09
C4 EST E . -6.31 -15.24 -4.10
C5 EST E . -5.57 -14.98 -5.19
C6 EST E . -4.32 -14.13 -5.11
C7 EST E . -3.38 -14.27 -6.27
C8 EST E . -4.22 -14.06 -7.51
C9 EST E . -5.19 -15.23 -7.66
C10 EST E . -5.98 -15.49 -6.48
C11 EST E . -6.04 -14.98 -8.91
C12 EST E . -5.19 -14.75 -10.16
C13 EST E . -4.14 -13.71 -9.98
C14 EST E . -3.36 -14.01 -8.72
C15 EST E . -2.27 -12.97 -8.73
C16 EST E . -1.98 -12.85 -10.23
C17 EST E . -3.01 -13.72 -10.96
O17 EST E . -3.36 -13.15 -12.18
C18 EST E . -4.79 -12.32 -9.98
C1 EST F . 8.86 14.59 -9.86
C2 EST F . 9.38 15.22 -8.76
C3 EST F . 8.83 15.07 -7.52
O3 EST F . 9.33 15.65 -6.42
C4 EST F . 7.72 14.28 -7.44
C5 EST F . 7.15 13.64 -8.48
C6 EST F . 5.93 12.76 -8.33
C7 EST F . 5.23 12.46 -9.61
C8 EST F . 6.20 11.95 -10.62
C9 EST F . 7.12 13.11 -10.98
C10 EST F . 7.75 13.78 -9.81
C11 EST F . 8.15 12.65 -11.98
C12 EST F . 7.49 12.03 -13.21
C13 EST F . 6.51 10.94 -12.87
C14 EST F . 5.51 11.50 -11.90
C15 EST F . 4.37 10.48 -11.87
C16 EST F . 4.39 9.87 -13.25
C17 EST F . 5.58 10.50 -13.97
O17 EST F . 6.12 9.60 -14.90
C18 EST F . 7.26 9.75 -12.29
#